data_4QXU
#
_entry.id   4QXU
#
_cell.length_a   79.560
_cell.length_b   79.560
_cell.length_c   93.600
_cell.angle_alpha   90.00
_cell.angle_beta   90.00
_cell.angle_gamma   90.00
#
_symmetry.space_group_name_H-M   'P 21 21 21'
#
loop_
_entity.id
_entity.type
_entity.pdbx_description
1 polymer 'anti_MT1-MMP Light chain'
2 polymer 'anti_MT1-MMP Heavy chain'
3 polymer 'Matrix metalloproteinase-14'
4 non-polymer 'SULFATE ION'
5 water water
#
loop_
_entity_poly.entity_id
_entity_poly.type
_entity_poly.pdbx_seq_one_letter_code
_entity_poly.pdbx_strand_id
1 'polypeptide(L)'
;DVLMTQTPLSLPVGLGDQASISCRSSQSIVHSNGNTYLEWYLQKPGQSPKLLIYKVSNRFSGVPDRFSGSGSGTDFTLKI
SRVEAEDLGVYYCFQGSHAPYTFGGGTKLEIKRADAAPTVSIFPPSSEQLTSGGASVVCFLNNFYPKDINVKWKIDGSER
QNGVLNSWTDQDSKDSTYSMSSTLTLTKDEYERHNSYTCEATHKTSTSPIVKSFNRNEC
;
L
2 'polypeptide(L)'
;EVKLVESGGGLVKPGGSLKLSCAASGFIFSNYAMSWVRQTPEKRLEWVATISGGGRNIYSLDSVKGRFTFFRDNARNTLY
LQMSSLRSEDTAMYFCSRENYGSSFTYWGQGTLVTVSSAKTTPPSVYPLAPGSAAQTNSMVTLGCLVKGYFPEPVTVTWN
SGSLSSGVHTFPAVLQSDLYTLSSSVTVPSSTWPSETVTCNVAHPASSTKVDKKIVPRDCAAALEHHHHHH
;
H
3 'polypeptide(L)' AEPWTVRNEDL K
#
loop_
_chem_comp.id
_chem_comp.type
_chem_comp.name
_chem_comp.formula
SO4 non-polymer 'SULFATE ION' 'O4 S -2'
#
# COMPACT_ATOMS: atom_id res chain seq x y z
N ASP A 1 14.32 -11.74 22.70
CA ASP A 1 13.40 -10.61 22.34
C ASP A 1 11.94 -10.97 22.59
N VAL A 2 11.11 -9.95 22.82
CA VAL A 2 9.68 -10.21 22.86
C VAL A 2 9.12 -10.43 21.45
N LEU A 3 8.33 -11.49 21.33
CA LEU A 3 7.56 -11.78 20.13
C LEU A 3 6.08 -11.42 20.45
N MET A 4 5.46 -10.63 19.55
CA MET A 4 4.05 -10.20 19.65
C MET A 4 3.20 -10.84 18.55
N THR A 5 2.18 -11.62 18.93
CA THR A 5 1.37 -12.40 17.97
C THR A 5 -0.09 -11.96 17.97
N GLN A 6 -0.66 -11.80 16.78
CA GLN A 6 -2.04 -11.37 16.65
C GLN A 6 -2.90 -12.45 16.06
N THR A 7 -4.16 -12.49 16.47
CA THR A 7 -5.14 -13.35 15.86
C THR A 7 -6.50 -12.65 15.92
N PRO A 8 -7.34 -12.85 14.88
CA PRO A 8 -7.00 -13.60 13.66
C PRO A 8 -6.17 -12.79 12.67
N LEU A 9 -5.71 -13.47 11.62
CA LEU A 9 -5.02 -12.83 10.52
C LEU A 9 -5.91 -11.76 9.85
N SER A 10 -7.19 -12.07 9.63
CA SER A 10 -8.22 -11.06 9.27
C SER A 10 -9.60 -11.46 9.71
N LEU A 11 -10.48 -10.47 9.73
CA LEU A 11 -11.72 -10.56 10.44
C LEU A 11 -12.73 -9.77 9.64
N PRO A 12 -13.80 -10.43 9.15
CA PRO A 12 -14.90 -9.65 8.56
C PRO A 12 -15.94 -9.40 9.64
N VAL A 13 -16.55 -8.22 9.67
CA VAL A 13 -17.73 -7.92 10.52
C VAL A 13 -18.64 -6.96 9.78
N GLY A 14 -19.92 -6.94 10.15
CA GLY A 14 -20.89 -6.08 9.46
C GLY A 14 -20.91 -4.70 10.07
N LEU A 15 -21.53 -3.76 9.37
CA LEU A 15 -21.78 -2.43 9.93
C LEU A 15 -22.60 -2.51 11.20
N GLY A 16 -22.31 -1.65 12.15
CA GLY A 16 -23.03 -1.70 13.41
C GLY A 16 -22.51 -2.75 14.37
N ASP A 17 -21.82 -3.79 13.93
CA ASP A 17 -21.36 -4.84 14.89
C ASP A 17 -20.02 -4.55 15.53
N GLN A 18 -19.59 -5.43 16.43
CA GLN A 18 -18.35 -5.21 17.14
C GLN A 18 -17.26 -6.23 16.77
N ALA A 19 -16.07 -5.70 16.43
CA ALA A 19 -14.89 -6.53 16.25
C ALA A 19 -14.07 -6.61 17.54
N SER A 20 -13.32 -7.69 17.64
CA SER A 20 -12.55 -8.00 18.81
C SER A 20 -11.27 -8.68 18.30
N ILE A 21 -10.10 -8.14 18.69
CA ILE A 21 -8.79 -8.61 18.16
C ILE A 21 -7.84 -8.94 19.29
N SER A 22 -7.17 -10.07 19.20
N SER A 22 -7.20 -10.10 19.20
CA SER A 22 -6.26 -10.50 20.24
CA SER A 22 -6.23 -10.54 20.23
C SER A 22 -4.79 -10.18 19.90
C SER A 22 -4.80 -10.08 19.89
N CYS A 23 -4.01 -9.91 20.94
CA CYS A 23 -2.57 -9.72 20.81
C CYS A 23 -1.99 -10.33 22.05
N ARG A 24 -1.05 -11.26 21.87
CA ARG A 24 -0.44 -12.03 22.97
C ARG A 24 1.08 -11.84 22.91
N SER A 25 1.72 -11.64 24.07
CA SER A 25 3.16 -11.47 24.11
C SER A 25 3.84 -12.71 24.61
N SER A 26 4.97 -13.04 23.97
CA SER A 26 5.74 -14.26 24.28
C SER A 26 6.29 -14.23 25.70
N GLN A 27 6.25 -13.05 26.30
CA GLN A 27 6.70 -12.82 27.67
C GLN A 27 6.11 -11.49 28.16
N SER A 28 6.23 -11.22 29.46
CA SER A 28 5.49 -10.15 30.05
C SER A 28 6.11 -8.83 29.61
N ILE A 29 5.33 -7.76 29.70
CA ILE A 29 5.75 -6.51 29.14
C ILE A 29 5.46 -5.35 30.13
N VAL A 30 5.87 -5.54 31.39
CA VAL A 30 5.82 -4.47 32.40
C VAL A 30 7.17 -3.71 32.33
N HIS A 31 7.15 -2.43 31.95
CA HIS A 31 8.35 -1.59 31.93
C HIS A 31 8.94 -1.49 33.33
N SER A 32 10.24 -1.25 33.38
CA SER A 32 10.93 -1.10 34.64
C SER A 32 10.23 -0.07 35.54
N ASN A 33 9.57 0.94 34.96
CA ASN A 33 8.83 1.91 35.77
C ASN A 33 7.45 1.43 36.22
N GLY A 34 7.12 0.15 35.96
CA GLY A 34 5.85 -0.42 36.38
C GLY A 34 4.68 -0.17 35.46
N ASN A 35 4.88 0.60 34.41
CA ASN A 35 3.85 0.80 33.37
C ASN A 35 3.92 -0.27 32.28
N THR A 36 2.85 -0.38 31.52
CA THR A 36 2.80 -1.34 30.42
C THR A 36 2.49 -0.63 29.10
N TYR A 37 3.52 -0.51 28.27
CA TYR A 37 3.45 0.28 27.04
C TYR A 37 3.02 -0.59 25.87
N LEU A 38 1.81 -1.11 25.98
CA LEU A 38 1.17 -1.87 24.91
C LEU A 38 0.33 -0.85 24.20
N GLU A 39 0.49 -0.75 22.88
CA GLU A 39 -0.20 0.28 22.06
C GLU A 39 -0.87 -0.37 20.84
N TRP A 40 -1.87 0.31 20.30
CA TRP A 40 -2.64 -0.18 19.17
C TRP A 40 -2.61 0.83 18.06
N TYR A 41 -2.21 0.41 16.87
CA TYR A 41 -2.17 1.28 15.66
C TYR A 41 -3.11 0.78 14.56
N LEU A 42 -3.63 1.76 13.79
CA LEU A 42 -4.44 1.48 12.60
C LEU A 42 -3.76 2.08 11.40
N GLN A 43 -3.61 1.24 10.38
CA GLN A 43 -3.09 1.70 9.11
C GLN A 43 -4.16 1.47 8.07
N LYS A 44 -4.73 2.54 7.56
CA LYS A 44 -5.75 2.41 6.57
C LYS A 44 -5.04 2.30 5.26
N PRO A 45 -5.71 1.80 4.21
CA PRO A 45 -5.04 1.61 2.93
C PRO A 45 -4.48 2.91 2.36
N GLY A 46 -3.23 2.86 1.95
CA GLY A 46 -2.57 3.97 1.27
C GLY A 46 -2.03 5.05 2.20
N GLN A 47 -2.15 4.83 3.51
CA GLN A 47 -1.82 5.85 4.50
C GLN A 47 -0.79 5.36 5.50
N SER A 48 -0.22 6.30 6.29
CA SER A 48 0.62 6.01 7.45
C SER A 48 -0.25 5.56 8.56
N PRO A 49 0.34 4.73 9.44
CA PRO A 49 -0.25 4.33 10.70
C PRO A 49 -0.55 5.53 11.60
N LYS A 50 -1.70 5.41 12.29
CA LYS A 50 -2.18 6.40 13.23
CA LYS A 50 -2.18 6.40 13.23
C LYS A 50 -2.36 5.69 14.58
N LEU A 51 -2.18 6.43 15.69
CA LEU A 51 -2.28 5.87 17.05
C LEU A 51 -3.71 5.91 17.54
N LEU A 52 -4.13 4.86 18.22
CA LEU A 52 -5.48 4.79 18.77
C LEU A 52 -5.39 4.74 20.26
N ILE A 53 -4.60 3.79 20.73
CA ILE A 53 -4.59 3.37 22.10
C ILE A 53 -3.14 3.24 22.61
N TYR A 54 -2.87 3.90 23.75
CA TYR A 54 -1.62 3.69 24.49
C TYR A 54 -1.72 3.16 25.95
N LYS A 55 -0.61 2.63 26.48
CA LYS A 55 -0.56 2.13 27.85
C LYS A 55 -1.80 1.28 28.09
N VAL A 56 -1.99 0.32 27.19
CA VAL A 56 -3.06 -0.68 27.26
C VAL A 56 -4.48 -0.21 26.87
N SER A 57 -4.95 0.90 27.45
CA SER A 57 -6.35 1.32 27.29
C SER A 57 -6.61 2.80 27.31
N ASN A 58 -5.62 3.64 27.09
CA ASN A 58 -5.89 5.06 26.98
C ASN A 58 -6.14 5.46 25.51
N ARG A 59 -7.22 6.19 25.31
CA ARG A 59 -7.66 6.63 24.00
C ARG A 59 -6.92 7.94 23.72
N PHE A 60 -6.05 7.96 22.73
CA PHE A 60 -5.45 9.20 22.23
C PHE A 60 -6.51 10.18 21.76
N SER A 61 -6.29 11.47 22.06
CA SER A 61 -7.26 12.50 21.72
C SER A 61 -7.65 12.34 20.24
N GLY A 62 -8.94 12.47 19.96
CA GLY A 62 -9.46 12.45 18.59
C GLY A 62 -10.09 11.14 18.21
N VAL A 63 -9.75 10.10 18.95
CA VAL A 63 -10.20 8.72 18.74
C VAL A 63 -11.48 8.39 19.55
N PRO A 64 -12.60 8.00 18.87
CA PRO A 64 -13.91 7.82 19.56
C PRO A 64 -13.93 6.62 20.49
N ASP A 65 -14.88 6.59 21.43
CA ASP A 65 -14.88 5.53 22.46
C ASP A 65 -15.56 4.22 22.00
N ARG A 66 -15.94 4.17 20.72
CA ARG A 66 -16.14 2.88 20.01
C ARG A 66 -14.87 1.96 20.09
N PHE A 67 -13.70 2.57 20.22
CA PHE A 67 -12.44 1.84 20.34
C PHE A 67 -11.97 1.79 21.78
N SER A 68 -11.70 0.58 22.26
CA SER A 68 -11.09 0.42 23.57
C SER A 68 -10.32 -0.91 23.68
N GLY A 69 -9.28 -0.87 24.50
CA GLY A 69 -8.34 -1.99 24.58
C GLY A 69 -8.29 -2.44 26.00
N SER A 70 -7.75 -3.62 26.23
CA SER A 70 -7.73 -4.19 27.58
C SER A 70 -6.68 -5.25 27.66
N GLY A 71 -6.58 -5.86 28.83
CA GLY A 71 -5.83 -7.11 29.01
C GLY A 71 -4.70 -6.96 29.99
N SER A 72 -4.06 -8.08 30.33
CA SER A 72 -2.94 -8.06 31.24
C SER A 72 -1.97 -9.18 31.01
N GLY A 73 -0.77 -8.96 31.53
CA GLY A 73 0.24 -9.99 31.65
C GLY A 73 0.87 -10.26 30.31
N THR A 74 0.21 -11.11 29.54
CA THR A 74 0.64 -11.47 28.20
C THR A 74 -0.51 -11.45 27.19
N ASP A 75 -1.65 -10.84 27.51
CA ASP A 75 -2.86 -11.08 26.71
C ASP A 75 -3.75 -9.87 26.61
N PHE A 76 -3.85 -9.34 25.39
CA PHE A 76 -4.46 -8.04 25.15
C PHE A 76 -5.45 -8.19 24.05
N THR A 77 -6.34 -7.23 23.99
CA THR A 77 -7.54 -7.38 23.22
C THR A 77 -7.95 -5.98 22.87
N LEU A 78 -8.26 -5.75 21.60
CA LEU A 78 -8.79 -4.45 21.20
C LEU A 78 -10.17 -4.68 20.62
N LYS A 79 -11.10 -3.83 21.04
CA LYS A 79 -12.53 -4.00 20.76
C LYS A 79 -13.01 -2.79 20.02
N ILE A 80 -13.55 -2.99 18.83
CA ILE A 80 -14.17 -1.87 18.10
C ILE A 80 -15.69 -2.03 18.07
N SER A 81 -16.43 -0.99 18.47
CA SER A 81 -17.91 -1.05 18.46
C SER A 81 -18.53 -0.25 17.35
N ARG A 82 -19.71 -0.69 16.91
CA ARG A 82 -20.47 0.06 15.94
C ARG A 82 -19.53 0.37 14.78
N VAL A 83 -19.09 -0.71 14.13
CA VAL A 83 -18.07 -0.65 13.07
C VAL A 83 -18.65 0.01 11.82
N GLU A 84 -17.92 0.99 11.31
CA GLU A 84 -18.25 1.72 10.07
C GLU A 84 -17.27 1.28 8.97
N ALA A 85 -17.57 1.59 7.70
CA ALA A 85 -16.72 1.10 6.62
C ALA A 85 -15.34 1.76 6.74
N GLU A 86 -15.37 3.06 7.02
CA GLU A 86 -14.17 3.84 7.23
C GLU A 86 -13.21 3.22 8.30
N ASP A 87 -13.63 2.26 9.10
CA ASP A 87 -12.72 1.58 10.01
C ASP A 87 -11.86 0.44 9.41
N LEU A 88 -11.96 0.16 8.12
CA LEU A 88 -11.21 -0.97 7.58
C LEU A 88 -9.69 -0.66 7.56
N GLY A 89 -8.86 -1.69 7.37
CA GLY A 89 -7.38 -1.50 7.33
C GLY A 89 -6.73 -2.50 8.25
N VAL A 90 -5.43 -2.35 8.48
CA VAL A 90 -4.73 -3.32 9.35
C VAL A 90 -4.45 -2.67 10.68
N TYR A 91 -4.77 -3.44 11.72
CA TYR A 91 -4.69 -2.99 13.12
C TYR A 91 -3.44 -3.64 13.66
N TYR A 92 -2.53 -2.85 14.26
CA TYR A 92 -1.25 -3.39 14.79
C TYR A 92 -1.09 -3.18 16.32
N CYS A 93 -0.71 -4.22 17.05
CA CYS A 93 -0.35 -4.03 18.45
C CYS A 93 1.18 -3.87 18.51
N PHE A 94 1.67 -3.22 19.58
CA PHE A 94 3.09 -2.93 19.70
C PHE A 94 3.47 -2.88 21.16
N GLN A 95 4.52 -3.62 21.56
CA GLN A 95 5.07 -3.46 22.93
C GLN A 95 6.31 -2.58 22.91
N GLY A 96 6.28 -1.56 23.75
CA GLY A 96 7.37 -0.60 23.90
C GLY A 96 7.87 -0.58 25.33
N SER A 97 7.90 -1.75 25.97
CA SER A 97 8.36 -1.95 27.34
C SER A 97 9.76 -2.55 27.44
N HIS A 98 10.16 -3.42 26.50
CA HIS A 98 11.50 -4.01 26.51
C HIS A 98 12.11 -3.95 25.14
N ALA A 99 13.27 -3.32 25.05
CA ALA A 99 14.00 -3.20 23.79
C ALA A 99 14.55 -4.57 23.43
N PRO A 100 14.48 -4.94 22.16
CA PRO A 100 14.03 -4.09 21.08
C PRO A 100 12.51 -4.13 21.00
N TYR A 101 11.90 -2.98 20.71
CA TYR A 101 10.46 -2.88 20.78
C TYR A 101 9.85 -3.56 19.52
N THR A 102 8.77 -4.29 19.69
CA THR A 102 8.26 -5.16 18.64
C THR A 102 6.77 -4.94 18.37
N PHE A 103 6.39 -5.08 17.10
CA PHE A 103 4.99 -5.00 16.66
C PHE A 103 4.47 -6.44 16.40
N GLY A 104 3.19 -6.64 16.65
CA GLY A 104 2.50 -7.76 16.03
C GLY A 104 2.43 -7.68 14.51
N GLY A 105 1.90 -8.74 13.89
CA GLY A 105 1.99 -8.94 12.45
C GLY A 105 0.82 -8.32 11.77
N GLY A 106 -0.13 -7.78 12.53
CA GLY A 106 -1.30 -7.18 11.95
C GLY A 106 -2.55 -8.05 11.82
N THR A 107 -3.72 -7.43 12.05
CA THR A 107 -5.01 -8.09 11.79
C THR A 107 -5.80 -7.22 10.82
N LYS A 108 -6.19 -7.76 9.67
CA LYS A 108 -6.89 -6.97 8.67
C LYS A 108 -8.33 -7.06 9.02
N LEU A 109 -8.98 -5.92 9.16
CA LEU A 109 -10.45 -5.84 9.35
C LEU A 109 -11.15 -5.59 8.03
N GLU A 110 -12.03 -6.51 7.64
CA GLU A 110 -12.86 -6.38 6.45
C GLU A 110 -14.30 -6.01 6.86
N ILE A 111 -14.96 -5.19 6.06
CA ILE A 111 -16.32 -4.76 6.33
C ILE A 111 -17.25 -5.56 5.45
N LYS A 112 -18.23 -6.29 6.05
CA LYS A 112 -19.23 -7.07 5.26
C LYS A 112 -20.20 -6.11 4.55
N ARG A 113 -20.64 -6.51 3.36
CA ARG A 113 -21.71 -5.86 2.58
C ARG A 113 -22.35 -6.96 1.69
N ALA A 114 -23.38 -6.63 0.92
CA ALA A 114 -24.04 -7.65 0.09
C ALA A 114 -23.17 -8.05 -1.07
N ASP A 115 -23.37 -9.26 -1.57
CA ASP A 115 -22.59 -9.71 -2.71
C ASP A 115 -22.69 -8.73 -3.86
N ALA A 116 -21.65 -8.67 -4.67
CA ALA A 116 -21.75 -7.90 -5.89
C ALA A 116 -20.87 -8.52 -6.94
N ALA A 117 -21.43 -8.73 -8.11
CA ALA A 117 -20.70 -9.28 -9.26
C ALA A 117 -19.71 -8.26 -9.80
N PRO A 118 -18.52 -8.69 -10.18
CA PRO A 118 -17.59 -7.74 -10.78
C PRO A 118 -18.04 -7.14 -12.11
N THR A 119 -17.73 -5.89 -12.32
CA THR A 119 -17.80 -5.29 -13.62
C THR A 119 -16.53 -5.64 -14.40
N VAL A 120 -16.65 -6.34 -15.54
CA VAL A 120 -15.53 -6.88 -16.34
C VAL A 120 -15.31 -6.20 -17.68
N SER A 121 -14.13 -5.61 -17.90
CA SER A 121 -13.78 -5.02 -19.21
C SER A 121 -12.45 -5.59 -19.79
N ILE A 122 -12.43 -5.90 -21.07
CA ILE A 122 -11.25 -6.45 -21.74
C ILE A 122 -10.64 -5.47 -22.75
N PHE A 123 -9.31 -5.36 -22.74
CA PHE A 123 -8.58 -4.39 -23.59
C PHE A 123 -7.49 -5.15 -24.36
N PRO A 124 -7.60 -5.15 -25.68
CA PRO A 124 -6.54 -5.56 -26.57
C PRO A 124 -5.28 -4.70 -26.44
N PRO A 125 -4.15 -5.20 -26.94
CA PRO A 125 -2.95 -4.38 -26.90
C PRO A 125 -3.14 -3.09 -27.66
N SER A 126 -2.55 -2.01 -27.15
CA SER A 126 -2.55 -0.74 -27.84
C SER A 126 -1.66 -0.82 -29.04
N SER A 127 -2.00 -0.08 -30.08
CA SER A 127 -1.21 -0.05 -31.30
CA SER A 127 -1.22 -0.04 -31.31
C SER A 127 0.26 0.27 -31.03
N GLU A 128 0.49 1.11 -30.04
CA GLU A 128 1.81 1.60 -29.68
C GLU A 128 2.69 0.52 -29.11
N GLN A 129 2.12 -0.28 -28.21
CA GLN A 129 2.80 -1.45 -27.64
C GLN A 129 3.16 -2.51 -28.70
N LEU A 130 2.21 -2.79 -29.58
CA LEU A 130 2.46 -3.72 -30.66
C LEU A 130 3.63 -3.24 -31.52
N THR A 131 3.66 -1.94 -31.77
CA THR A 131 4.77 -1.35 -32.52
C THR A 131 6.15 -1.71 -31.88
N SER A 132 6.22 -1.71 -30.57
CA SER A 132 7.48 -2.13 -29.91
C SER A 132 7.67 -3.65 -29.68
N GLY A 133 6.76 -4.48 -30.19
CA GLY A 133 6.91 -5.96 -30.06
C GLY A 133 6.22 -6.62 -28.88
N GLY A 134 5.48 -5.84 -28.11
CA GLY A 134 4.72 -6.37 -26.97
C GLY A 134 3.25 -6.50 -27.31
N ALA A 135 2.58 -7.37 -26.58
CA ALA A 135 1.15 -7.61 -26.72
C ALA A 135 0.60 -8.09 -25.38
N SER A 136 0.23 -7.13 -24.50
CA SER A 136 -0.48 -7.38 -23.26
C SER A 136 -2.03 -7.22 -23.39
N VAL A 137 -2.75 -8.23 -22.97
CA VAL A 137 -4.20 -8.19 -22.95
C VAL A 137 -4.62 -7.91 -21.52
N VAL A 138 -5.48 -6.92 -21.35
CA VAL A 138 -5.80 -6.47 -19.97
C VAL A 138 -7.28 -6.59 -19.66
N CYS A 139 -7.56 -7.07 -18.47
CA CYS A 139 -8.88 -7.41 -18.11
C CYS A 139 -9.07 -6.84 -16.72
N PHE A 140 -9.97 -5.85 -16.59
CA PHE A 140 -10.32 -5.29 -15.27
C PHE A 140 -11.60 -5.90 -14.76
N LEU A 141 -11.54 -6.36 -13.51
CA LEU A 141 -12.65 -6.91 -12.74
C LEU A 141 -12.93 -6.04 -11.54
N ASN A 142 -13.88 -5.13 -11.69
CA ASN A 142 -14.09 -4.06 -10.75
C ASN A 142 -15.37 -4.13 -9.88
N ASN A 143 -15.24 -3.72 -8.60
CA ASN A 143 -16.38 -3.41 -7.73
C ASN A 143 -17.17 -4.66 -7.42
N PHE A 144 -16.50 -5.61 -6.80
CA PHE A 144 -17.10 -6.86 -6.48
C PHE A 144 -16.92 -7.21 -5.02
N TYR A 145 -17.79 -8.08 -4.54
CA TYR A 145 -17.73 -8.56 -3.18
C TYR A 145 -18.43 -9.89 -3.12
N PRO A 146 -17.86 -10.85 -2.44
CA PRO A 146 -16.60 -10.83 -1.68
C PRO A 146 -15.28 -10.92 -2.49
N LYS A 147 -14.18 -10.91 -1.76
CA LYS A 147 -12.81 -10.84 -2.30
C LYS A 147 -12.48 -11.93 -3.33
N ASP A 148 -12.97 -13.15 -3.09
CA ASP A 148 -12.61 -14.35 -3.82
C ASP A 148 -13.18 -14.39 -5.22
N ILE A 149 -12.30 -14.56 -6.19
CA ILE A 149 -12.69 -14.51 -7.57
C ILE A 149 -11.61 -15.27 -8.24
N ASN A 150 -11.88 -15.66 -9.49
CA ASN A 150 -11.01 -16.50 -10.23
C ASN A 150 -11.10 -16.16 -11.68
N VAL A 151 -9.92 -15.90 -12.24
CA VAL A 151 -9.78 -15.48 -13.63
C VAL A 151 -9.06 -16.53 -14.42
N LYS A 152 -9.68 -17.00 -15.51
CA LYS A 152 -9.00 -17.87 -16.45
C LYS A 152 -9.02 -17.29 -17.88
N TRP A 153 -7.89 -17.43 -18.53
CA TRP A 153 -7.68 -16.88 -19.85
C TRP A 153 -7.82 -17.96 -20.90
N LYS A 154 -8.30 -17.60 -22.08
CA LYS A 154 -8.27 -18.54 -23.16
C LYS A 154 -7.78 -17.87 -24.42
N ILE A 155 -6.98 -18.66 -25.16
CA ILE A 155 -6.52 -18.32 -26.48
C ILE A 155 -7.00 -19.39 -27.47
N ASP A 156 -7.90 -18.99 -28.37
CA ASP A 156 -8.48 -19.87 -29.35
C ASP A 156 -9.16 -21.04 -28.60
N GLY A 157 -9.80 -20.73 -27.48
CA GLY A 157 -10.57 -21.68 -26.71
C GLY A 157 -9.79 -22.66 -25.83
N SER A 158 -8.46 -22.57 -25.80
CA SER A 158 -7.61 -23.33 -24.88
C SER A 158 -7.14 -22.49 -23.72
N GLU A 159 -7.19 -23.09 -22.55
CA GLU A 159 -6.82 -22.42 -21.34
C GLU A 159 -5.41 -21.85 -21.47
N ARG A 160 -5.09 -20.83 -20.70
CA ARG A 160 -3.75 -20.29 -20.79
C ARG A 160 -3.23 -19.72 -19.49
N GLN A 161 -2.10 -20.28 -19.05
CA GLN A 161 -1.57 -20.05 -17.71
C GLN A 161 -0.29 -19.26 -17.63
N ASN A 162 0.51 -19.28 -18.69
CA ASN A 162 1.83 -18.68 -18.63
C ASN A 162 1.74 -17.20 -19.04
N GLY A 163 2.46 -16.32 -18.34
CA GLY A 163 2.44 -14.89 -18.65
C GLY A 163 1.26 -14.11 -18.05
N VAL A 164 0.43 -14.72 -17.19
CA VAL A 164 -0.72 -14.04 -16.53
C VAL A 164 -0.28 -13.37 -15.23
N LEU A 165 -0.48 -12.06 -15.09
CA LEU A 165 -0.19 -11.40 -13.80
C LEU A 165 -1.33 -10.58 -13.21
N ASN A 166 -1.84 -11.12 -12.12
CA ASN A 166 -2.96 -10.57 -11.37
C ASN A 166 -2.55 -9.54 -10.29
N SER A 167 -3.44 -8.62 -9.98
CA SER A 167 -3.18 -7.69 -8.91
C SER A 167 -4.53 -7.25 -8.29
N TRP A 168 -4.62 -7.18 -6.97
CA TRP A 168 -5.85 -6.77 -6.26
C TRP A 168 -5.67 -5.51 -5.44
N THR A 169 -6.69 -4.65 -5.43
CA THR A 169 -6.74 -3.52 -4.49
C THR A 169 -7.04 -4.03 -3.09
N ASP A 170 -6.81 -3.20 -2.10
CA ASP A 170 -7.36 -3.40 -0.76
C ASP A 170 -8.84 -3.03 -0.87
N GLN A 171 -9.58 -3.25 0.20
CA GLN A 171 -10.99 -2.85 0.26
C GLN A 171 -11.18 -1.32 0.19
N ASP A 172 -12.03 -0.87 -0.72
CA ASP A 172 -12.40 0.53 -0.83
C ASP A 172 -13.47 0.79 0.22
N SER A 173 -13.27 1.82 1.03
CA SER A 173 -14.16 2.12 2.15
C SER A 173 -15.39 2.92 1.74
N LYS A 174 -15.41 3.40 0.50
CA LYS A 174 -16.54 4.16 -0.10
C LYS A 174 -17.73 3.24 -0.37
N ASP A 175 -17.47 2.03 -0.86
CA ASP A 175 -18.52 1.09 -1.21
C ASP A 175 -18.28 -0.31 -0.65
N SER A 176 -17.17 -0.46 0.05
CA SER A 176 -16.77 -1.75 0.61
C SER A 176 -16.47 -2.88 -0.39
N THR A 177 -16.12 -2.54 -1.63
CA THR A 177 -15.81 -3.52 -2.68
C THR A 177 -14.31 -3.73 -2.90
N TYR A 178 -14.02 -4.70 -3.74
CA TYR A 178 -12.69 -4.98 -4.20
C TYR A 178 -12.65 -4.79 -5.70
N SER A 179 -11.46 -4.67 -6.23
CA SER A 179 -11.29 -4.73 -7.66
C SER A 179 -10.00 -5.48 -7.96
N MET A 180 -9.87 -6.03 -9.17
CA MET A 180 -8.63 -6.72 -9.55
C MET A 180 -8.31 -6.50 -11.02
N SER A 181 -7.06 -6.79 -11.33
CA SER A 181 -6.50 -6.58 -12.65
C SER A 181 -5.78 -7.83 -13.06
N SER A 182 -5.96 -8.20 -14.30
CA SER A 182 -5.37 -9.40 -14.83
C SER A 182 -4.80 -9.08 -16.20
N THR A 183 -3.51 -9.37 -16.35
CA THR A 183 -2.73 -8.96 -17.53
C THR A 183 -2.08 -10.19 -18.15
N LEU A 184 -2.36 -10.42 -19.41
CA LEU A 184 -1.78 -11.56 -20.08
C LEU A 184 -0.76 -11.01 -20.99
N THR A 185 0.51 -11.34 -20.79
CA THR A 185 1.55 -10.72 -21.56
C THR A 185 2.22 -11.71 -22.41
N LEU A 186 2.21 -11.40 -23.71
CA LEU A 186 2.73 -12.19 -24.82
C LEU A 186 3.61 -11.29 -25.71
N THR A 187 4.41 -11.89 -26.60
CA THR A 187 5.10 -11.17 -27.68
C THR A 187 4.14 -10.86 -28.83
N LYS A 188 4.45 -9.84 -29.64
CA LYS A 188 3.68 -9.55 -30.86
C LYS A 188 3.49 -10.78 -31.74
N ASP A 189 4.56 -11.50 -32.00
CA ASP A 189 4.52 -12.61 -32.94
C ASP A 189 3.68 -13.77 -32.40
N GLU A 190 3.66 -13.97 -31.09
CA GLU A 190 2.80 -15.01 -30.59
C GLU A 190 1.33 -14.56 -30.63
N TYR A 191 1.06 -13.32 -30.28
CA TYR A 191 -0.29 -12.74 -30.39
C TYR A 191 -0.84 -12.93 -31.81
N GLU A 192 0.00 -12.80 -32.83
CA GLU A 192 -0.48 -12.74 -34.20
C GLU A 192 -0.64 -14.11 -34.86
N ARG A 193 -0.24 -15.14 -34.13
CA ARG A 193 -0.35 -16.51 -34.51
C ARG A 193 -1.72 -17.07 -33.99
N HIS A 194 -2.58 -16.22 -33.39
CA HIS A 194 -3.87 -16.64 -32.83
C HIS A 194 -4.88 -15.52 -32.89
N ASN A 195 -6.14 -15.85 -32.69
CA ASN A 195 -7.24 -14.94 -32.97
C ASN A 195 -8.07 -14.48 -31.79
N SER A 196 -8.35 -15.39 -30.90
CA SER A 196 -9.42 -15.25 -29.97
C SER A 196 -8.81 -15.19 -28.60
N TYR A 197 -9.10 -14.12 -27.86
CA TYR A 197 -8.60 -13.87 -26.52
C TYR A 197 -9.78 -13.59 -25.61
N THR A 198 -9.83 -14.32 -24.52
CA THR A 198 -11.00 -14.37 -23.67
C THR A 198 -10.53 -14.31 -22.24
N CYS A 199 -11.15 -13.49 -21.37
CA CYS A 199 -10.99 -13.63 -19.92
C CYS A 199 -12.34 -13.94 -19.28
N GLU A 200 -12.37 -15.03 -18.54
CA GLU A 200 -13.58 -15.44 -17.87
C GLU A 200 -13.38 -15.26 -16.39
N ALA A 201 -14.33 -14.58 -15.74
CA ALA A 201 -14.37 -14.43 -14.30
C ALA A 201 -15.46 -15.32 -13.67
N THR A 202 -15.08 -16.11 -12.66
CA THR A 202 -16.02 -16.91 -11.88
C THR A 202 -16.06 -16.39 -10.46
N HIS A 203 -17.27 -16.11 -10.01
CA HIS A 203 -17.45 -15.41 -8.76
C HIS A 203 -18.76 -15.97 -8.16
N LYS A 204 -18.76 -16.20 -6.86
CA LYS A 204 -19.90 -16.64 -6.06
C LYS A 204 -21.24 -16.10 -6.55
N THR A 205 -21.29 -14.85 -7.02
CA THR A 205 -22.55 -14.25 -7.49
C THR A 205 -23.18 -14.94 -8.70
N SER A 206 -22.52 -15.93 -9.29
CA SER A 206 -23.06 -16.55 -10.50
C SER A 206 -22.57 -17.98 -10.67
N THR A 207 -23.45 -18.89 -11.06
CA THR A 207 -23.03 -20.31 -11.23
C THR A 207 -22.01 -20.34 -12.36
N SER A 208 -22.30 -19.56 -13.41
CA SER A 208 -21.42 -19.51 -14.58
C SER A 208 -20.58 -18.19 -14.79
N PRO A 209 -19.47 -18.34 -15.52
CA PRO A 209 -18.54 -17.30 -15.84
C PRO A 209 -19.12 -16.07 -16.50
N ILE A 210 -18.65 -14.89 -16.05
CA ILE A 210 -18.73 -13.70 -16.88
C ILE A 210 -17.59 -13.72 -17.88
N VAL A 211 -17.90 -13.57 -19.16
CA VAL A 211 -16.92 -13.84 -20.23
C VAL A 211 -16.73 -12.60 -21.08
N LYS A 212 -15.50 -12.13 -21.22
CA LYS A 212 -15.17 -11.09 -22.20
C LYS A 212 -14.09 -11.59 -23.15
N SER A 213 -14.25 -11.28 -24.44
CA SER A 213 -13.32 -11.70 -25.45
C SER A 213 -13.43 -10.87 -26.64
N PHE A 214 -12.46 -11.03 -27.52
CA PHE A 214 -12.50 -10.40 -28.82
C PHE A 214 -11.66 -11.27 -29.76
N ASN A 215 -11.95 -11.14 -31.04
CA ASN A 215 -11.18 -11.78 -32.08
C ASN A 215 -10.36 -10.74 -32.75
N ARG A 216 -9.08 -11.01 -32.97
CA ARG A 216 -8.23 -10.17 -33.83
C ARG A 216 -8.74 -10.02 -35.27
N ASN A 217 -9.41 -11.02 -35.83
CA ASN A 217 -9.84 -10.94 -37.23
C ASN A 217 -11.02 -9.99 -37.35
N GLU A 218 -11.36 -9.33 -36.23
CA GLU A 218 -12.30 -8.21 -36.22
C GLU A 218 -11.68 -6.95 -35.57
N CYS A 219 -10.45 -7.08 -35.00
CA CYS A 219 -9.46 -5.99 -34.65
C CYS A 219 -8.76 -6.17 -33.27
N GLU B 1 -0.52 22.63 13.04
CA GLU B 1 -0.53 21.35 13.81
C GLU B 1 0.83 20.64 13.67
N VAL B 2 0.94 19.45 14.25
CA VAL B 2 2.20 18.74 14.21
C VAL B 2 2.45 18.16 12.82
N LYS B 3 3.52 18.56 12.13
CA LYS B 3 3.87 17.92 10.85
C LYS B 3 5.30 17.37 10.82
N LEU B 4 5.41 16.17 10.28
CA LEU B 4 6.66 15.45 10.02
C LEU B 4 6.71 15.10 8.51
N VAL B 5 7.86 15.32 7.85
CA VAL B 5 8.05 15.09 6.40
C VAL B 5 9.38 14.35 6.21
N GLU B 6 9.37 13.08 5.91
CA GLU B 6 10.63 12.39 5.62
C GLU B 6 11.12 12.75 4.20
N SER B 7 12.40 12.49 3.91
CA SER B 7 12.90 12.55 2.54
C SER B 7 14.24 11.81 2.39
N GLY B 8 14.72 11.70 1.16
CA GLY B 8 15.96 10.98 0.83
C GLY B 8 15.82 9.55 0.35
N GLY B 9 14.63 8.99 0.40
CA GLY B 9 14.52 7.58 0.01
C GLY B 9 14.90 7.38 -1.44
N GLY B 10 15.30 6.17 -1.82
CA GLY B 10 15.57 5.87 -3.22
C GLY B 10 16.23 4.54 -3.48
N LEU B 11 16.62 4.30 -4.72
CA LEU B 11 17.26 3.03 -5.10
C LEU B 11 18.72 3.01 -4.68
N VAL B 12 19.15 2.02 -3.91
CA VAL B 12 20.60 1.89 -3.60
C VAL B 12 21.06 0.41 -3.70
N LYS B 13 22.33 0.25 -4.03
CA LYS B 13 22.87 -1.07 -4.28
C LYS B 13 23.26 -1.74 -2.99
N PRO B 14 23.13 -3.06 -2.94
CA PRO B 14 23.66 -3.75 -1.79
C PRO B 14 25.07 -3.25 -1.47
N GLY B 15 25.33 -3.02 -0.18
CA GLY B 15 26.60 -2.51 0.30
C GLY B 15 26.72 -0.99 0.38
N GLY B 16 25.80 -0.28 -0.27
CA GLY B 16 25.95 1.16 -0.39
C GLY B 16 25.42 1.92 0.81
N SER B 17 25.34 3.25 0.65
CA SER B 17 24.92 4.13 1.71
C SER B 17 23.89 5.15 1.27
N LEU B 18 23.25 5.76 2.26
CA LEU B 18 22.11 6.66 2.01
C LEU B 18 21.69 7.33 3.28
N LYS B 19 21.59 8.66 3.20
CA LYS B 19 21.12 9.46 4.31
C LYS B 19 19.71 9.93 4.11
N LEU B 20 18.88 9.73 5.16
CA LEU B 20 17.48 10.16 5.15
C LEU B 20 17.27 11.30 6.18
N SER B 21 16.27 12.16 5.92
CA SER B 21 15.92 13.31 6.77
C SER B 21 14.43 13.38 7.06
N CYS B 22 14.10 13.94 8.22
CA CYS B 22 12.73 14.09 8.70
C CYS B 22 12.65 15.51 9.23
N ALA B 23 12.03 16.39 8.44
CA ALA B 23 11.72 17.78 8.81
C ALA B 23 10.49 17.88 9.73
N ALA B 24 10.62 18.58 10.85
CA ALA B 24 9.58 18.60 11.81
C ALA B 24 9.04 20.02 11.94
N SER B 25 7.73 20.18 12.14
CA SER B 25 7.11 21.51 12.33
C SER B 25 5.88 21.43 13.23
N GLY B 26 5.52 22.57 13.83
CA GLY B 26 4.34 22.69 14.70
C GLY B 26 4.53 22.28 16.16
N PHE B 27 5.78 22.13 16.60
CA PHE B 27 6.07 21.77 17.99
C PHE B 27 7.54 22.07 18.32
N ILE B 28 7.85 22.14 19.60
CA ILE B 28 9.21 22.48 19.96
C ILE B 28 10.04 21.19 19.87
N PHE B 29 10.76 21.06 18.76
CA PHE B 29 11.47 19.86 18.38
C PHE B 29 12.35 19.23 19.46
N SER B 30 13.24 20.02 20.07
CA SER B 30 14.18 19.53 21.09
C SER B 30 13.54 18.97 22.34
N ASN B 31 12.28 19.33 22.56
CA ASN B 31 11.53 18.85 23.73
C ASN B 31 11.03 17.40 23.62
N TYR B 32 11.10 16.81 22.43
CA TYR B 32 10.63 15.43 22.26
C TYR B 32 11.64 14.55 21.61
N ALA B 33 11.67 13.31 22.09
CA ALA B 33 12.38 12.21 21.39
C ALA B 33 11.71 11.93 20.10
N MET B 34 12.47 11.38 19.15
CA MET B 34 11.92 10.91 17.86
C MET B 34 12.33 9.49 17.58
N SER B 35 11.51 8.77 16.83
CA SER B 35 11.79 7.39 16.38
C SER B 35 11.86 7.21 14.85
N TRP B 36 12.65 6.25 14.39
CA TRP B 36 12.49 5.78 13.04
C TRP B 36 11.82 4.42 13.10
N VAL B 37 10.77 4.21 12.32
CA VAL B 37 10.10 2.89 12.21
C VAL B 37 10.05 2.56 10.71
N ARG B 38 10.29 1.30 10.34
CA ARG B 38 10.22 0.93 8.92
C ARG B 38 9.17 -0.14 8.68
N GLN B 39 8.64 -0.17 7.46
CA GLN B 39 7.62 -1.16 7.03
C GLN B 39 8.05 -1.88 5.77
N THR B 40 8.14 -3.19 5.80
CA THR B 40 8.49 -4.02 4.60
C THR B 40 7.37 -3.90 3.53
N PRO B 41 7.66 -4.25 2.25
CA PRO B 41 6.63 -4.18 1.20
C PRO B 41 5.41 -5.08 1.49
N GLU B 42 5.67 -6.21 2.16
CA GLU B 42 4.61 -7.09 2.68
C GLU B 42 4.09 -6.59 4.04
N LYS B 43 4.29 -5.31 4.35
CA LYS B 43 3.60 -4.62 5.46
C LYS B 43 4.00 -4.90 6.92
N ARG B 44 5.11 -5.60 7.15
CA ARG B 44 5.52 -5.85 8.54
C ARG B 44 6.19 -4.59 9.11
N LEU B 45 5.79 -4.19 10.31
CA LEU B 45 6.32 -3.00 10.97
C LEU B 45 7.42 -3.40 11.89
N GLU B 46 8.46 -2.57 11.93
CA GLU B 46 9.64 -2.78 12.73
C GLU B 46 10.23 -1.44 13.22
N TRP B 47 10.26 -1.26 14.53
CA TRP B 47 11.03 -0.21 15.17
C TRP B 47 12.53 -0.39 14.84
N VAL B 48 13.17 0.71 14.46
CA VAL B 48 14.57 0.76 14.08
C VAL B 48 15.33 1.48 15.19
N ALA B 49 14.87 2.67 15.56
CA ALA B 49 15.52 3.46 16.63
C ALA B 49 14.74 4.65 17.23
N THR B 50 15.13 4.96 18.46
CA THR B 50 14.67 6.11 19.16
C THR B 50 15.81 6.95 19.71
N ILE B 51 15.73 8.27 19.54
CA ILE B 51 16.79 9.20 19.96
C ILE B 51 16.22 10.35 20.85
N SER B 52 16.87 10.70 21.94
CA SER B 52 16.32 11.56 22.93
C SER B 52 16.22 12.98 22.39
N GLY B 53 15.46 13.81 23.12
CA GLY B 53 15.31 15.24 22.76
C GLY B 53 16.58 15.95 22.34
N GLY B 54 17.61 15.85 23.17
CA GLY B 54 18.94 16.43 22.86
C GLY B 54 20.00 15.50 22.24
N GLY B 55 19.58 14.33 21.82
CA GLY B 55 20.41 13.49 20.97
C GLY B 55 21.37 12.56 21.62
N ARG B 56 21.53 12.63 22.94
CA ARG B 56 22.60 11.92 23.65
C ARG B 56 22.30 10.44 23.85
N ASN B 57 21.03 10.12 24.12
CA ASN B 57 20.61 8.77 24.43
C ASN B 57 19.87 8.20 23.26
N ILE B 58 20.45 7.18 22.63
CA ILE B 58 19.88 6.45 21.50
C ILE B 58 19.64 4.96 21.87
N TYR B 59 18.54 4.34 21.40
CA TYR B 59 18.41 2.84 21.31
C TYR B 59 18.10 2.40 19.85
N SER B 60 18.52 1.21 19.49
CA SER B 60 18.32 0.73 18.12
C SER B 60 18.23 -0.77 18.02
N LEU B 61 17.68 -1.28 16.93
CA LEU B 61 17.68 -2.72 16.68
C LEU B 61 19.11 -3.15 16.52
N ASP B 62 19.47 -4.26 17.13
CA ASP B 62 20.80 -4.76 17.08
C ASP B 62 21.21 -5.06 15.63
N SER B 63 20.30 -5.57 14.79
CA SER B 63 20.67 -5.84 13.40
C SER B 63 20.99 -4.58 12.57
N VAL B 64 20.86 -3.37 13.12
CA VAL B 64 21.27 -2.16 12.38
C VAL B 64 22.40 -1.39 13.04
N LYS B 65 22.81 -1.78 14.25
CA LYS B 65 24.01 -1.22 14.90
C LYS B 65 25.27 -1.25 14.03
N GLY B 66 26.01 -0.14 14.01
CA GLY B 66 27.20 0.02 13.15
C GLY B 66 26.98 0.37 11.69
N ARG B 67 25.97 -0.23 11.07
CA ARG B 67 25.64 0.14 9.69
C ARG B 67 24.79 1.45 9.60
N PHE B 68 23.84 1.58 10.54
CA PHE B 68 22.95 2.72 10.58
C PHE B 68 23.36 3.54 11.75
N THR B 69 23.31 4.86 11.53
CA THR B 69 23.57 5.80 12.55
C THR B 69 22.44 6.87 12.60
N PHE B 70 22.15 7.34 13.82
CA PHE B 70 21.07 8.22 14.14
C PHE B 70 21.52 9.47 14.87
N PHE B 71 21.13 10.62 14.35
CA PHE B 71 21.45 11.89 14.98
C PHE B 71 20.42 12.96 14.58
N ARG B 72 20.41 14.12 15.23
CA ARG B 72 19.43 15.16 14.94
C ARG B 72 20.04 16.55 15.02
N ASP B 73 19.51 17.50 14.27
CA ASP B 73 19.94 18.90 14.44
C ASP B 73 18.73 19.74 14.87
N ASN B 74 18.68 20.04 16.16
CA ASN B 74 17.51 20.63 16.82
C ASN B 74 17.22 22.04 16.28
N ALA B 75 18.22 22.89 16.21
CA ALA B 75 18.06 24.20 15.61
C ALA B 75 17.55 24.16 14.17
N ARG B 76 17.73 23.08 13.43
CA ARG B 76 17.16 22.98 12.08
C ARG B 76 15.91 22.07 12.03
N ASN B 77 15.43 21.63 13.18
CA ASN B 77 14.20 20.85 13.23
C ASN B 77 14.24 19.63 12.34
N THR B 78 15.38 18.97 12.33
CA THR B 78 15.62 17.86 11.38
C THR B 78 16.30 16.69 12.09
N LEU B 79 15.77 15.51 11.81
CA LEU B 79 16.27 14.25 12.30
C LEU B 79 16.87 13.45 11.13
N TYR B 80 17.96 12.77 11.39
CA TYR B 80 18.59 12.00 10.33
C TYR B 80 18.70 10.49 10.58
N LEU B 81 18.83 9.75 9.49
CA LEU B 81 19.27 8.38 9.57
C LEU B 81 20.32 8.17 8.49
N GLN B 82 21.57 8.09 8.90
CA GLN B 82 22.68 7.76 8.01
C GLN B 82 22.78 6.24 7.93
N MET B 83 22.52 5.70 6.74
CA MET B 83 22.61 4.27 6.47
C MET B 83 23.92 3.91 5.77
N SER B 84 24.52 2.77 6.11
CA SER B 84 25.57 2.21 5.27
C SER B 84 25.42 0.75 5.30
N SER B 85 26.17 0.06 4.46
CA SER B 85 26.16 -1.39 4.39
C SER B 85 24.75 -1.95 4.25
N LEU B 86 24.01 -1.34 3.34
CA LEU B 86 22.62 -1.72 3.11
C LEU B 86 22.51 -3.11 2.48
N ARG B 87 21.48 -3.84 2.91
CA ARG B 87 21.15 -5.16 2.36
C ARG B 87 19.74 -5.20 1.85
N SER B 88 19.46 -6.18 1.00
CA SER B 88 18.10 -6.40 0.53
C SER B 88 17.05 -6.16 1.61
N GLU B 89 17.23 -6.78 2.79
CA GLU B 89 16.21 -6.72 3.88
C GLU B 89 15.97 -5.36 4.49
N ASP B 90 16.83 -4.39 4.19
CA ASP B 90 16.66 -3.02 4.66
C ASP B 90 15.59 -2.32 3.87
N THR B 91 15.32 -2.88 2.71
CA THR B 91 14.24 -2.44 1.85
C THR B 91 12.94 -2.34 2.66
N ALA B 92 12.36 -1.15 2.65
CA ALA B 92 11.23 -0.84 3.47
C ALA B 92 10.89 0.62 3.23
N MET B 93 9.67 0.98 3.60
CA MET B 93 9.28 2.36 3.82
C MET B 93 9.72 2.77 5.21
N TYR B 94 10.38 3.94 5.27
CA TYR B 94 10.96 4.51 6.50
C TYR B 94 10.18 5.71 7.04
N PHE B 95 9.70 5.57 8.26
CA PHE B 95 8.82 6.58 8.90
C PHE B 95 9.50 7.14 10.11
N CYS B 96 9.51 8.47 10.25
CA CYS B 96 9.88 9.04 11.55
C CYS B 96 8.63 9.38 12.28
N SER B 97 8.78 9.58 13.57
CA SER B 97 7.65 9.65 14.43
C SER B 97 8.03 10.18 15.76
N ARG B 98 7.16 10.98 16.32
CA ARG B 98 7.45 11.69 17.55
C ARG B 98 6.80 11.03 18.74
N GLU B 99 7.47 11.03 19.87
CA GLU B 99 6.89 10.60 21.11
C GLU B 99 5.85 11.57 21.66
N ASN B 100 5.22 11.13 22.76
CA ASN B 100 4.38 11.96 23.60
C ASN B 100 4.20 11.25 24.95
N TYR B 101 3.73 12.00 25.94
CA TYR B 101 3.43 11.46 27.27
C TYR B 101 2.65 10.14 27.16
N GLY B 102 3.26 9.03 27.53
CA GLY B 102 2.54 7.75 27.54
C GLY B 102 2.46 7.02 26.20
N SER B 103 2.68 7.71 25.08
CA SER B 103 2.73 7.05 23.75
C SER B 103 4.09 7.12 22.99
N SER B 104 4.51 5.97 22.50
CA SER B 104 5.70 5.88 21.71
C SER B 104 5.63 6.63 20.40
N PHE B 105 4.64 6.30 19.57
CA PHE B 105 4.63 6.76 18.17
C PHE B 105 3.39 7.56 17.88
N THR B 106 3.41 8.79 18.37
CA THR B 106 2.21 9.58 18.46
C THR B 106 1.86 10.25 17.16
N TYR B 107 2.87 10.70 16.42
CA TYR B 107 2.63 11.41 15.18
C TYR B 107 3.58 10.79 14.21
N TRP B 108 3.10 10.55 12.97
CA TRP B 108 3.93 9.94 11.92
C TRP B 108 4.00 10.83 10.70
N GLY B 109 5.07 10.72 9.91
CA GLY B 109 5.11 11.36 8.62
C GLY B 109 4.50 10.46 7.57
N GLN B 110 4.68 10.81 6.29
CA GLN B 110 4.18 10.04 5.16
C GLN B 110 5.11 8.90 4.77
N GLY B 111 6.38 8.99 5.09
CA GLY B 111 7.29 7.92 4.75
C GLY B 111 8.09 8.17 3.49
N THR B 112 9.28 7.59 3.43
CA THR B 112 10.10 7.69 2.25
C THR B 112 10.66 6.31 2.02
N LEU B 113 10.67 5.91 0.75
CA LEU B 113 10.90 4.55 0.35
C LEU B 113 12.34 4.24 0.03
N VAL B 114 12.88 3.22 0.66
CA VAL B 114 14.25 2.83 0.35
C VAL B 114 14.24 1.47 -0.26
N THR B 115 14.71 1.39 -1.50
CA THR B 115 14.84 0.14 -2.26
C THR B 115 16.31 -0.29 -2.46
N VAL B 116 16.65 -1.44 -1.91
CA VAL B 116 18.01 -1.94 -1.90
C VAL B 116 18.11 -3.12 -2.87
N SER B 117 18.74 -2.88 -4.00
CA SER B 117 18.92 -3.92 -5.00
C SER B 117 19.77 -3.35 -6.10
N SER B 118 20.20 -4.19 -7.02
CA SER B 118 21.11 -3.77 -8.08
C SER B 118 20.48 -3.82 -9.45
N ALA B 119 19.18 -4.02 -9.54
CA ALA B 119 18.53 -3.91 -10.84
C ALA B 119 18.56 -2.43 -11.13
N LYS B 120 18.58 -2.06 -12.40
CA LYS B 120 18.87 -0.69 -12.66
C LYS B 120 17.58 0.09 -12.85
N THR B 121 17.68 1.40 -12.67
CA THR B 121 16.60 2.32 -12.89
C THR B 121 16.11 2.24 -14.35
N THR B 122 14.86 1.81 -14.53
CA THR B 122 14.19 1.76 -15.83
C THR B 122 12.89 2.57 -15.83
N PRO B 123 12.72 3.51 -16.80
CA PRO B 123 11.48 4.28 -16.90
C PRO B 123 10.30 3.47 -17.45
N PRO B 124 9.08 3.92 -17.15
CA PRO B 124 7.93 3.13 -17.56
C PRO B 124 7.59 3.26 -19.05
N SER B 125 6.90 2.28 -19.63
CA SER B 125 6.23 2.52 -20.89
C SER B 125 4.76 2.64 -20.54
N VAL B 126 4.08 3.62 -21.10
CA VAL B 126 2.74 3.97 -20.68
C VAL B 126 1.89 3.75 -21.90
N TYR B 127 0.89 2.88 -21.75
CA TYR B 127 0.03 2.57 -22.87
C TYR B 127 -1.40 2.89 -22.55
N PRO B 128 -2.07 3.56 -23.50
CA PRO B 128 -3.46 3.91 -23.30
C PRO B 128 -4.36 2.68 -23.61
N LEU B 129 -5.37 2.44 -22.80
CA LEU B 129 -6.30 1.37 -23.05
C LEU B 129 -7.72 1.89 -23.39
N ALA B 130 -8.02 1.87 -24.68
CA ALA B 130 -9.39 2.10 -25.18
C ALA B 130 -10.01 0.74 -25.43
N PRO B 131 -11.35 0.63 -25.36
CA PRO B 131 -12.02 -0.65 -25.65
C PRO B 131 -11.78 -1.04 -27.09
N GLY B 132 -11.79 -2.35 -27.37
CA GLY B 132 -11.53 -2.84 -28.72
C GLY B 132 -12.48 -2.19 -29.68
N SER B 133 -12.06 -2.05 -30.95
CA SER B 133 -12.88 -1.35 -31.92
C SER B 133 -14.17 -2.09 -32.33
N ALA B 134 -14.23 -3.40 -32.06
CA ALA B 134 -15.45 -4.15 -32.31
C ALA B 134 -16.30 -4.30 -31.06
N ALA B 135 -15.86 -3.74 -29.93
CA ALA B 135 -16.55 -3.91 -28.64
C ALA B 135 -17.88 -3.13 -28.57
N GLN B 136 -18.65 -3.39 -27.55
CA GLN B 136 -19.94 -2.76 -27.41
C GLN B 136 -19.79 -1.66 -26.41
N THR B 137 -20.62 -0.64 -26.51
CA THR B 137 -20.60 0.44 -25.56
C THR B 137 -22.01 0.48 -25.20
N ASN B 138 -22.46 0.69 -23.96
CA ASN B 138 -21.78 1.04 -22.73
C ASN B 138 -21.95 2.47 -22.16
N SER B 139 -22.90 2.62 -21.23
CA SER B 139 -23.33 3.90 -20.67
C SER B 139 -22.38 4.55 -19.67
N MET B 140 -21.74 3.76 -18.85
CA MET B 140 -20.59 4.19 -18.12
C MET B 140 -19.39 3.52 -18.78
N VAL B 141 -18.47 4.28 -19.30
CA VAL B 141 -17.37 3.62 -20.02
C VAL B 141 -16.09 3.46 -19.20
N THR B 142 -15.50 2.27 -19.25
CA THR B 142 -14.30 1.97 -18.57
C THR B 142 -13.07 2.13 -19.52
N LEU B 143 -12.13 2.98 -19.12
CA LEU B 143 -10.87 3.23 -19.83
C LEU B 143 -9.73 2.87 -18.93
N GLY B 144 -8.57 2.56 -19.51
CA GLY B 144 -7.38 2.13 -18.71
C GLY B 144 -6.04 2.77 -19.12
N CYS B 145 -5.07 2.77 -18.23
CA CYS B 145 -3.71 2.76 -18.73
C CYS B 145 -2.80 1.71 -18.05
N LEU B 146 -1.89 1.21 -18.86
CA LEU B 146 -0.93 0.18 -18.49
C LEU B 146 0.45 0.83 -18.37
N VAL B 147 1.10 0.70 -17.21
CA VAL B 147 2.41 1.27 -16.94
C VAL B 147 3.37 0.10 -16.75
N LYS B 148 4.21 -0.20 -17.75
CA LYS B 148 4.99 -1.44 -17.79
C LYS B 148 6.48 -1.25 -17.87
N GLY B 149 7.22 -2.16 -17.21
CA GLY B 149 8.67 -2.23 -17.39
C GLY B 149 9.45 -1.13 -16.65
N TYR B 150 9.07 -0.84 -15.40
CA TYR B 150 9.74 0.19 -14.63
C TYR B 150 10.39 -0.31 -13.40
N PHE B 151 11.32 0.51 -12.90
CA PHE B 151 12.07 0.19 -11.69
C PHE B 151 12.84 1.43 -11.17
N PRO B 152 12.90 1.60 -9.84
CA PRO B 152 12.13 0.99 -8.80
C PRO B 152 10.72 1.66 -8.66
N GLU B 153 9.98 1.28 -7.62
CA GLU B 153 8.76 1.99 -7.21
C GLU B 153 9.20 3.28 -6.53
N PRO B 154 8.28 4.29 -6.37
CA PRO B 154 6.85 4.32 -6.79
C PRO B 154 6.59 5.04 -8.16
N VAL B 155 5.43 4.76 -8.75
CA VAL B 155 4.84 5.67 -9.73
C VAL B 155 3.50 6.18 -9.25
N THR B 156 3.20 7.41 -9.66
CA THR B 156 1.99 8.15 -9.33
C THR B 156 1.17 8.16 -10.60
N VAL B 157 -0.05 7.63 -10.52
CA VAL B 157 -1.01 7.74 -11.61
C VAL B 157 -2.13 8.69 -11.22
N THR B 158 -2.56 9.52 -12.17
CA THR B 158 -3.71 10.40 -12.02
C THR B 158 -4.45 10.42 -13.35
N TRP B 159 -5.65 10.99 -13.33
CA TRP B 159 -6.45 11.09 -14.52
C TRP B 159 -6.88 12.52 -14.68
N ASN B 160 -6.80 13.07 -15.88
CA ASN B 160 -6.94 14.50 -16.08
C ASN B 160 -6.31 15.33 -14.94
N SER B 161 -5.05 15.02 -14.67
CA SER B 161 -4.24 15.67 -13.61
C SER B 161 -5.02 15.83 -12.31
N GLY B 162 -5.78 14.81 -11.96
CA GLY B 162 -6.49 14.77 -10.67
C GLY B 162 -7.95 15.21 -10.79
N SER B 163 -8.33 15.82 -11.92
CA SER B 163 -9.71 16.34 -12.02
C SER B 163 -10.74 15.20 -12.07
N LEU B 164 -10.32 14.00 -12.46
CA LEU B 164 -11.16 12.80 -12.37
C LEU B 164 -10.57 11.99 -11.26
N SER B 165 -11.14 12.18 -10.08
CA SER B 165 -10.79 11.41 -8.91
C SER B 165 -11.82 10.30 -8.70
N SER B 166 -13.05 10.64 -9.07
CA SER B 166 -14.23 9.83 -8.87
C SER B 166 -14.15 8.31 -9.10
N GLY B 167 -14.06 7.83 -10.36
CA GLY B 167 -14.27 6.36 -10.62
C GLY B 167 -12.97 5.57 -10.89
N VAL B 168 -12.00 5.73 -10.00
CA VAL B 168 -10.66 5.31 -10.30
C VAL B 168 -10.24 4.11 -9.47
N HIS B 169 -9.59 3.16 -10.13
CA HIS B 169 -8.92 2.04 -9.44
C HIS B 169 -7.50 1.91 -9.96
N THR B 170 -6.52 2.09 -9.09
CA THR B 170 -5.14 2.05 -9.49
C THR B 170 -4.52 0.88 -8.74
N PHE B 171 -4.02 -0.12 -9.46
CA PHE B 171 -3.72 -1.40 -8.81
C PHE B 171 -2.27 -1.46 -8.35
N PRO B 172 -2.00 -2.14 -7.22
CA PRO B 172 -0.60 -2.19 -6.79
C PRO B 172 0.30 -2.87 -7.81
N ALA B 173 1.50 -2.33 -7.96
CA ALA B 173 2.50 -2.87 -8.87
C ALA B 173 2.74 -4.31 -8.57
N VAL B 174 3.09 -5.05 -9.59
CA VAL B 174 3.57 -6.41 -9.42
C VAL B 174 4.99 -6.43 -9.99
N LEU B 175 5.93 -6.95 -9.21
CA LEU B 175 7.31 -7.11 -9.67
C LEU B 175 7.49 -8.40 -10.43
N GLN B 176 8.18 -8.35 -11.56
CA GLN B 176 8.61 -9.56 -12.27
C GLN B 176 9.91 -9.36 -13.03
N SER B 177 10.89 -10.23 -12.84
CA SER B 177 12.08 -10.17 -13.70
C SER B 177 12.76 -8.78 -13.59
N ASP B 178 12.80 -8.25 -12.36
CA ASP B 178 13.39 -6.96 -12.05
C ASP B 178 12.63 -5.77 -12.62
N LEU B 179 11.41 -5.99 -13.14
CA LEU B 179 10.58 -4.85 -13.60
C LEU B 179 9.17 -4.92 -13.02
N TYR B 180 8.62 -3.76 -12.74
CA TYR B 180 7.32 -3.64 -12.19
C TYR B 180 6.32 -3.29 -13.27
N THR B 181 5.12 -3.78 -13.10
CA THR B 181 4.01 -3.46 -13.98
C THR B 181 2.77 -3.09 -13.16
N LEU B 182 1.97 -2.19 -13.70
CA LEU B 182 0.87 -1.65 -12.95
C LEU B 182 -0.22 -1.18 -13.89
N SER B 183 -1.46 -1.10 -13.41
CA SER B 183 -2.48 -0.48 -14.23
C SER B 183 -3.52 0.32 -13.44
N SER B 184 -4.16 1.23 -14.16
CA SER B 184 -5.14 2.09 -13.53
C SER B 184 -6.35 2.12 -14.39
N SER B 185 -7.51 2.07 -13.79
CA SER B 185 -8.71 2.15 -14.61
C SER B 185 -9.56 3.29 -14.16
N VAL B 186 -10.30 3.86 -15.10
CA VAL B 186 -11.22 4.94 -14.79
C VAL B 186 -12.52 4.79 -15.59
N THR B 187 -13.62 5.07 -14.90
CA THR B 187 -14.96 4.81 -15.43
C THR B 187 -15.73 6.13 -15.47
N VAL B 188 -16.08 6.59 -16.68
CA VAL B 188 -16.72 7.90 -16.91
C VAL B 188 -18.00 7.75 -17.75
N PRO B 189 -18.93 8.70 -17.63
CA PRO B 189 -20.18 8.57 -18.37
C PRO B 189 -20.00 8.78 -19.89
N SER B 190 -20.78 8.07 -20.67
CA SER B 190 -20.63 8.01 -22.13
C SER B 190 -20.71 9.32 -22.81
N SER B 191 -21.38 10.28 -22.16
CA SER B 191 -21.46 11.65 -22.64
C SER B 191 -20.16 12.41 -22.54
N THR B 192 -19.27 12.01 -21.64
CA THR B 192 -18.03 12.73 -21.40
C THR B 192 -16.83 12.21 -22.22
N TRP B 193 -16.89 10.96 -22.71
CA TRP B 193 -15.89 10.37 -23.64
C TRP B 193 -16.56 9.52 -24.71
N PRO B 194 -16.16 9.71 -25.99
CA PRO B 194 -14.93 10.42 -26.42
C PRO B 194 -15.07 11.93 -26.68
N SER B 195 -16.24 12.50 -26.47
CA SER B 195 -16.43 13.90 -26.82
C SER B 195 -15.41 14.83 -26.11
N GLU B 196 -15.01 14.52 -24.88
CA GLU B 196 -13.98 15.30 -24.22
C GLU B 196 -12.74 14.44 -23.97
N THR B 197 -11.61 15.05 -23.66
CA THR B 197 -10.39 14.29 -23.51
C THR B 197 -10.30 13.64 -22.14
N VAL B 198 -9.95 12.37 -22.13
CA VAL B 198 -9.53 11.70 -20.92
C VAL B 198 -8.07 11.34 -21.15
N THR B 199 -7.26 11.48 -20.10
CA THR B 199 -5.80 11.30 -20.14
C THR B 199 -5.28 10.79 -18.80
N CYS B 200 -4.35 9.82 -18.79
CA CYS B 200 -3.67 9.48 -17.53
C CYS B 200 -2.29 10.12 -17.45
N ASN B 201 -1.88 10.45 -16.24
CA ASN B 201 -0.62 11.09 -16.03
C ASN B 201 0.17 10.20 -15.11
N VAL B 202 1.30 9.77 -15.62
CA VAL B 202 2.16 8.85 -14.93
C VAL B 202 3.47 9.55 -14.66
N ALA B 203 3.75 9.67 -13.37
CA ALA B 203 5.02 10.21 -12.89
C ALA B 203 5.83 9.03 -12.38
N HIS B 204 7.14 9.08 -12.69
CA HIS B 204 8.18 8.20 -12.12
C HIS B 204 9.40 9.07 -11.70
N PRO B 205 9.35 9.66 -10.50
CA PRO B 205 10.43 10.37 -9.87
C PRO B 205 11.82 9.78 -10.17
N ALA B 206 12.12 8.55 -9.70
CA ALA B 206 13.47 7.95 -9.94
C ALA B 206 14.07 8.20 -11.33
N SER B 207 13.29 8.21 -12.40
CA SER B 207 13.82 8.54 -13.75
C SER B 207 13.44 9.96 -14.20
N SER B 208 12.96 10.76 -13.26
CA SER B 208 12.42 12.09 -13.57
CA SER B 208 12.39 12.09 -13.55
C SER B 208 11.51 12.07 -14.80
N THR B 209 10.66 11.06 -14.87
CA THR B 209 9.75 10.80 -16.00
C THR B 209 8.35 11.32 -15.64
N LYS B 210 7.71 12.03 -16.56
CA LYS B 210 6.31 12.46 -16.43
C LYS B 210 5.68 12.27 -17.79
N VAL B 211 4.75 11.31 -17.93
CA VAL B 211 4.09 11.08 -19.25
C VAL B 211 2.54 11.23 -19.20
N ASP B 212 1.98 11.93 -20.18
CA ASP B 212 0.52 12.06 -20.37
C ASP B 212 0.08 11.25 -21.60
N LYS B 213 -0.73 10.20 -21.41
CA LYS B 213 -1.25 9.49 -22.55
C LYS B 213 -2.77 9.71 -22.70
N LYS B 214 -3.14 10.35 -23.80
CA LYS B 214 -4.51 10.66 -24.13
C LYS B 214 -5.13 9.35 -24.62
N ILE B 215 -6.37 9.08 -24.18
CA ILE B 215 -7.07 7.86 -24.54
C ILE B 215 -7.97 8.17 -25.72
N VAL B 216 -7.65 7.56 -26.86
CA VAL B 216 -8.26 7.87 -28.14
C VAL B 216 -9.05 6.62 -28.53
N PRO B 217 -10.24 6.79 -29.11
CA PRO B 217 -10.96 5.61 -29.55
C PRO B 217 -10.18 4.94 -30.67
N ARG B 218 -10.22 3.61 -30.71
CA ARG B 218 -9.56 2.85 -31.79
C ARG B 218 -10.20 3.02 -33.17
N ASP B 219 -9.48 2.57 -34.21
CA ASP B 219 -9.97 2.53 -35.59
C ASP B 219 -10.41 1.10 -35.95
N CYS B 220 -11.45 0.94 -36.76
CA CYS B 220 -12.03 -0.40 -37.10
C CYS B 220 -11.50 -0.95 -38.43
N ALA C 1 20.45 6.39 29.52
CA ALA C 1 20.29 5.33 28.48
C ALA C 1 18.86 5.41 27.93
N GLU C 2 17.85 5.39 28.81
CA GLU C 2 16.41 5.50 28.39
C GLU C 2 16.24 6.70 27.41
N PRO C 3 15.83 6.43 26.15
CA PRO C 3 15.93 7.52 25.17
C PRO C 3 14.71 8.40 25.09
N TRP C 4 13.66 8.06 25.81
CA TRP C 4 12.43 8.86 25.74
C TRP C 4 12.57 10.14 26.57
N THR C 5 12.08 11.27 26.04
CA THR C 5 12.13 12.51 26.80
C THR C 5 10.83 12.75 27.55
N VAL C 6 9.70 12.52 26.91
CA VAL C 6 8.43 12.69 27.61
C VAL C 6 7.66 11.43 27.87
N ARG C 7 7.98 10.34 27.18
CA ARG C 7 7.04 9.19 27.14
C ARG C 7 6.82 8.56 28.52
N ASN C 8 7.86 8.55 29.34
CA ASN C 8 7.85 7.80 30.59
C ASN C 8 7.31 8.58 31.77
N GLU C 9 6.67 9.70 31.49
CA GLU C 9 6.14 10.54 32.52
C GLU C 9 4.62 10.43 32.43
N ASP C 10 4.01 10.12 33.57
CA ASP C 10 2.58 9.82 33.67
C ASP C 10 1.81 11.09 34.00
N LEU C 11 0.73 11.35 33.28
CA LEU C 11 -0.16 12.49 33.56
C LEU C 11 -1.55 12.07 34.13
S SO4 D . 19.36 14.49 26.04
O1 SO4 D . 20.17 14.93 27.17
O2 SO4 D . 20.21 14.15 24.91
O3 SO4 D . 18.56 13.30 26.41
O4 SO4 D . 18.45 15.59 25.70
S SO4 E . 6.60 -3.72 -24.05
O1 SO4 E . 7.90 -4.11 -23.48
O2 SO4 E . 6.85 -3.32 -25.47
O3 SO4 E . 5.72 -4.92 -23.98
O4 SO4 E . 6.06 -2.57 -23.24
#